data_1FPT
#
_entry.id   1FPT
#
_cell.length_a   129.785
_cell.length_b   129.785
_cell.length_c   143.829
_cell.angle_alpha   90.00
_cell.angle_beta   90.00
_cell.angle_gamma   120.00
#
_symmetry.space_group_name_H-M   'P 63 2 2'
#
loop_
_entity.id
_entity.type
_entity.pdbx_description
1 polymer 'FAB FRAGMENT OF AN NEUTRALIZING ANTIBODY FOR TYPE 1 POLIOVIRUS'
2 polymer 'IGG2A-KAPPA C3 FAB (LIGHT CHAIN)'
3 polymer 'IGG2A-KAPPA C3 FAB (HEAVY CHAIN)'
4 water water
#
loop_
_entity_poly.entity_id
_entity_poly.type
_entity_poly.pdbx_seq_one_letter_code
_entity_poly.pdbx_strand_id
1 'polypeptide(L)' CVTIMTVDNPASTTNKDK P
2 'polypeptide(L)'
;DVVMTQTPLSLPVSLGDQASISCSSSQSLVHSNGKTYLHWYLQKPGQSPKLLIYKVSNRFSGVPDRFSGSGSGTYFTLKI
SRVEAEDLGVYFCSQSTHVPYTFGGGTKLEIKRADAAPTVSIFPPSSEQLTSGGASVVCFLNNFYPKDINVKWKIDGSEV
QNGVLNSWTDQDSKDSTYSMSSTLTLTKDEYERHNSYTCEATHKTSTSPIVKSFNRNEC
;
L
3 'polypeptide(L)'
;QVQLQQSGAELVRPGTSVKVSCKASGYAFTNYLIQWIKQRPGQGLEWIGVINPGSGGTDYNANFKGKATLTADKSSSIVY
MQLSSLTSDDSAVYFCARDFYDYDVGFDYWGQGTTLTVSSAKTTAPSVYPLAPVCGDTTGSSVTLGCLVKGYFPEPVTLT
WNSGSLSSGVHTFPAVLQSDLYTLSSSVTVTSSTWPSQSITCNVAHPASSTKVDKKIEPR
;
H
#
# COMPACT_ATOMS: atom_id res chain seq x y z
N ASP A 8 0.24 8.69 -43.19
CA ASP A 8 -0.51 7.80 -42.29
C ASP A 8 0.33 7.23 -41.12
N ASN A 9 1.43 6.53 -41.45
CA ASN A 9 2.30 5.69 -40.57
C ASN A 9 3.49 6.42 -39.86
N PRO A 10 3.49 7.15 -38.72
CA PRO A 10 4.74 7.71 -38.19
C PRO A 10 5.67 7.06 -37.12
N ALA A 11 5.32 6.60 -35.87
CA ALA A 11 6.38 6.04 -34.97
C ALA A 11 6.19 4.78 -34.09
N SER A 12 7.33 4.14 -33.81
CA SER A 12 7.47 2.95 -32.95
C SER A 12 6.85 3.03 -31.54
N THR A 13 6.94 4.25 -31.05
CA THR A 13 6.33 4.61 -29.80
C THR A 13 4.82 4.46 -29.74
N THR A 14 4.14 4.47 -30.90
CA THR A 14 2.67 4.46 -31.09
C THR A 14 2.07 3.21 -31.64
N ASN A 15 0.97 2.81 -31.02
CA ASN A 15 0.24 1.62 -31.47
C ASN A 15 -0.11 1.66 -32.97
N LYS A 16 0.00 0.64 -33.84
CA LYS A 16 -0.33 0.77 -35.29
C LYS A 16 -1.76 1.21 -35.59
N ASP A 17 -2.49 0.72 -34.60
CA ASP A 17 -3.86 1.07 -34.35
C ASP A 17 -4.21 2.53 -34.60
N LYS A 18 -3.36 3.36 -34.02
CA LYS A 18 -3.57 4.77 -34.01
C LYS A 18 -2.80 5.55 -35.08
N ASP B 1 -3.65 19.32 -22.16
CA ASP B 1 -3.11 17.99 -21.98
C ASP B 1 -4.13 16.87 -21.93
N VAL B 2 -5.38 17.34 -21.80
CA VAL B 2 -6.58 16.55 -21.67
C VAL B 2 -6.64 16.39 -20.16
N VAL B 3 -7.15 17.49 -19.60
CA VAL B 3 -7.37 17.59 -18.18
C VAL B 3 -8.46 16.62 -17.74
N MET B 4 -8.09 15.51 -17.15
CA MET B 4 -8.99 14.47 -16.63
C MET B 4 -9.71 14.77 -15.31
N THR B 5 -11.00 14.47 -15.19
CA THR B 5 -11.69 14.75 -13.95
C THR B 5 -12.63 13.74 -13.34
N GLN B 6 -12.29 13.23 -12.18
CA GLN B 6 -13.24 12.35 -11.51
C GLN B 6 -13.99 12.88 -10.30
N THR B 7 -15.23 12.43 -10.30
CA THR B 7 -16.18 12.74 -9.24
C THR B 7 -17.04 11.54 -8.90
N PRO B 8 -17.24 11.16 -7.66
CA PRO B 8 -16.70 11.78 -6.47
C PRO B 8 -15.27 11.68 -6.01
N LEU B 9 -14.81 12.48 -5.07
CA LEU B 9 -13.49 12.25 -4.52
C LEU B 9 -13.47 11.04 -3.60
N SER B 10 -14.61 10.81 -3.00
CA SER B 10 -14.86 9.65 -2.19
C SER B 10 -16.33 9.27 -2.26
N LEU B 11 -16.55 7.97 -2.19
CA LEU B 11 -17.84 7.36 -2.42
C LEU B 11 -18.21 6.33 -1.36
N PRO B 12 -18.90 6.76 -0.32
CA PRO B 12 -19.39 5.86 0.70
C PRO B 12 -20.46 4.98 0.07
N VAL B 13 -20.39 3.65 0.03
CA VAL B 13 -21.36 2.80 -0.65
C VAL B 13 -21.85 1.57 0.16
N SER B 14 -23.05 0.98 0.17
CA SER B 14 -23.14 -0.24 1.00
C SER B 14 -23.11 -1.59 0.30
N LEU B 15 -22.56 -2.72 0.81
CA LEU B 15 -22.60 -4.07 0.19
C LEU B 15 -23.93 -4.34 -0.49
N GLY B 16 -23.95 -4.90 -1.71
CA GLY B 16 -25.20 -5.08 -2.44
C GLY B 16 -25.74 -3.86 -3.21
N ASP B 17 -25.59 -2.59 -2.79
CA ASP B 17 -26.12 -1.47 -3.59
C ASP B 17 -25.32 -0.99 -4.82
N GLN B 18 -25.90 -0.19 -5.73
CA GLN B 18 -25.23 0.30 -6.93
C GLN B 18 -24.23 1.38 -6.62
N ALA B 19 -23.26 1.56 -7.49
CA ALA B 19 -22.22 2.55 -7.29
C ALA B 19 -21.82 3.04 -8.66
N SER B 20 -21.59 4.32 -8.80
CA SER B 20 -21.41 4.91 -10.11
C SER B 20 -20.39 6.04 -10.15
N ILE B 21 -19.16 5.73 -10.52
CA ILE B 21 -18.07 6.69 -10.59
C ILE B 21 -18.10 7.52 -11.85
N SER B 22 -17.79 8.80 -11.90
CA SER B 22 -17.89 9.52 -13.15
C SER B 22 -16.67 10.36 -13.55
N CYS B 23 -16.30 10.28 -14.82
CA CYS B 23 -15.11 10.93 -15.35
C CYS B 23 -15.32 11.64 -16.66
N SER B 24 -14.87 12.89 -16.62
CA SER B 24 -15.03 13.81 -17.72
C SER B 24 -13.75 14.50 -18.13
N SER B 25 -13.60 14.73 -19.43
CA SER B 25 -12.35 15.24 -19.99
C SER B 25 -12.43 16.57 -20.64
N SER B 26 -11.33 17.31 -20.70
CA SER B 26 -11.30 18.63 -21.36
C SER B 26 -11.36 18.51 -22.86
N GLN B 27 -10.68 17.53 -23.47
CA GLN B 27 -10.80 17.36 -24.91
C GLN B 27 -11.70 16.24 -25.34
N SER B 28 -12.03 16.15 -26.64
CA SER B 28 -12.76 14.95 -27.00
C SER B 28 -11.77 13.81 -27.00
N LEU B 29 -12.19 12.76 -26.32
CA LEU B 29 -11.29 11.67 -26.18
C LEU B 29 -11.40 10.78 -27.39
N VAL B 30 -12.26 11.00 -28.42
CA VAL B 30 -12.31 10.11 -29.64
C VAL B 30 -11.19 10.33 -30.69
N HIS B 31 -10.17 9.51 -30.79
CA HIS B 31 -9.06 9.80 -31.68
C HIS B 31 -9.40 9.57 -33.13
N SER B 32 -9.08 10.48 -34.05
CA SER B 32 -9.38 10.35 -35.49
C SER B 32 -9.76 9.02 -36.16
N ASN B 33 -9.11 7.91 -35.75
CA ASN B 33 -9.40 6.57 -36.26
C ASN B 33 -10.76 5.96 -35.86
N GLY B 34 -11.42 6.75 -35.04
CA GLY B 34 -12.73 6.42 -34.60
C GLY B 34 -12.78 5.73 -33.25
N LYS B 35 -11.71 5.58 -32.48
CA LYS B 35 -11.89 4.85 -31.21
C LYS B 35 -11.80 5.67 -29.91
N THR B 36 -12.77 5.68 -28.97
CA THR B 36 -12.62 6.45 -27.73
C THR B 36 -11.66 5.69 -26.86
N TYR B 37 -10.44 6.09 -26.56
CA TYR B 37 -9.62 5.27 -25.69
C TYR B 37 -9.50 5.73 -24.24
N LEU B 38 -10.60 5.57 -23.51
CA LEU B 38 -10.67 5.84 -22.10
C LEU B 38 -10.71 4.52 -21.36
N HIS B 39 -9.79 4.32 -20.43
CA HIS B 39 -9.63 3.06 -19.71
C HIS B 39 -9.88 3.20 -18.24
N TRP B 40 -10.43 2.21 -17.56
CA TRP B 40 -10.63 2.36 -16.12
C TRP B 40 -9.83 1.28 -15.44
N TYR B 41 -9.15 1.71 -14.35
CA TYR B 41 -8.24 0.96 -13.52
C TYR B 41 -8.62 0.79 -12.05
N LEU B 42 -8.33 -0.28 -11.30
CA LEU B 42 -8.53 -0.36 -9.85
C LEU B 42 -7.22 -0.49 -9.04
N GLN B 43 -6.95 0.36 -8.04
CA GLN B 43 -5.76 0.17 -7.20
C GLN B 43 -6.22 -0.19 -5.82
N LYS B 44 -6.24 -1.46 -5.49
CA LYS B 44 -6.61 -1.85 -4.16
C LYS B 44 -5.57 -1.23 -3.21
N PRO B 45 -5.86 -0.96 -1.94
CA PRO B 45 -4.84 -0.45 -1.06
C PRO B 45 -3.62 -1.35 -0.99
N GLY B 46 -2.49 -0.73 -1.36
CA GLY B 46 -1.22 -1.43 -1.26
C GLY B 46 -0.79 -2.21 -2.50
N GLN B 47 -1.67 -2.99 -3.14
CA GLN B 47 -1.40 -3.51 -4.49
C GLN B 47 -1.07 -2.47 -5.61
N SER B 48 -0.74 -2.86 -6.84
CA SER B 48 -0.46 -1.95 -7.96
C SER B 48 -1.69 -1.84 -8.86
N PRO B 49 -1.95 -0.85 -9.70
CA PRO B 49 -3.26 -0.76 -10.31
C PRO B 49 -3.52 -1.91 -11.26
N LYS B 50 -4.73 -2.39 -11.39
CA LYS B 50 -5.05 -3.42 -12.36
C LYS B 50 -6.05 -2.89 -13.36
N LEU B 51 -6.08 -3.27 -14.64
CA LEU B 51 -7.06 -2.81 -15.65
C LEU B 51 -8.51 -3.34 -15.50
N LEU B 52 -9.58 -2.52 -15.45
CA LEU B 52 -10.92 -3.07 -15.32
C LEU B 52 -11.67 -3.12 -16.61
N ILE B 53 -11.78 -1.97 -17.30
CA ILE B 53 -12.47 -1.85 -18.59
C ILE B 53 -11.45 -1.30 -19.58
N TYR B 54 -11.32 -1.79 -20.80
CA TYR B 54 -10.37 -1.15 -21.64
C TYR B 54 -10.84 -0.29 -22.74
N LYS B 55 -11.60 -0.44 -23.82
CA LYS B 55 -11.72 0.75 -24.64
C LYS B 55 -12.82 1.67 -24.21
N VAL B 56 -13.98 1.41 -23.65
CA VAL B 56 -14.79 2.42 -22.92
C VAL B 56 -15.72 1.56 -22.10
N SER B 57 -16.19 0.55 -22.83
CA SER B 57 -17.20 -0.41 -22.40
C SER B 57 -16.79 -1.87 -22.29
N ASN B 58 -15.73 -2.31 -22.96
CA ASN B 58 -15.29 -3.72 -22.92
C ASN B 58 -14.37 -4.06 -21.74
N ARG B 59 -14.78 -5.06 -20.96
CA ARG B 59 -14.04 -5.54 -19.78
C ARG B 59 -12.81 -6.43 -20.03
N PHE B 60 -11.80 -6.22 -19.19
CA PHE B 60 -10.60 -7.01 -19.25
C PHE B 60 -10.88 -8.43 -18.77
N SER B 61 -10.04 -9.39 -19.03
CA SER B 61 -10.36 -10.75 -18.58
C SER B 61 -10.53 -11.01 -17.09
N GLY B 62 -11.44 -11.95 -16.87
CA GLY B 62 -11.83 -12.38 -15.54
C GLY B 62 -12.28 -11.16 -14.78
N VAL B 63 -13.32 -10.48 -15.26
CA VAL B 63 -13.75 -9.25 -14.60
C VAL B 63 -15.27 -9.24 -14.47
N PRO B 64 -15.83 -9.39 -13.26
CA PRO B 64 -17.21 -9.71 -13.01
C PRO B 64 -18.18 -8.88 -13.81
N ASP B 65 -19.32 -9.42 -14.33
CA ASP B 65 -20.26 -8.61 -15.11
C ASP B 65 -20.85 -7.49 -14.28
N ARG B 66 -20.67 -7.45 -12.96
CA ARG B 66 -21.10 -6.30 -12.20
C ARG B 66 -20.45 -4.98 -12.65
N PHE B 67 -19.23 -5.02 -13.15
CA PHE B 67 -18.56 -3.82 -13.63
C PHE B 67 -18.96 -3.37 -15.01
N SER B 68 -19.41 -2.15 -15.30
CA SER B 68 -19.53 -1.81 -16.71
C SER B 68 -19.16 -0.39 -16.97
N GLY B 69 -18.48 -0.26 -18.07
CA GLY B 69 -18.10 1.09 -18.44
C GLY B 69 -19.08 1.62 -19.45
N SER B 70 -19.14 2.90 -19.59
CA SER B 70 -20.01 3.46 -20.61
C SER B 70 -19.75 4.94 -20.69
N GLY B 71 -20.02 5.45 -21.86
CA GLY B 71 -19.87 6.87 -22.07
C GLY B 71 -19.64 7.26 -23.51
N SER B 72 -19.49 8.57 -23.72
CA SER B 72 -19.17 9.13 -25.04
C SER B 72 -18.31 10.37 -25.04
N GLY B 73 -17.38 10.41 -26.00
CA GLY B 73 -16.64 11.64 -26.31
C GLY B 73 -15.95 12.43 -25.20
N THR B 74 -16.66 12.95 -24.22
CA THR B 74 -16.01 13.57 -23.09
C THR B 74 -16.60 13.15 -21.76
N TYR B 75 -17.54 12.24 -21.82
CA TYR B 75 -18.28 11.90 -20.64
C TYR B 75 -18.35 10.41 -20.52
N PHE B 76 -17.73 9.89 -19.49
CA PHE B 76 -17.78 8.45 -19.28
C PHE B 76 -18.06 8.13 -17.82
N THR B 77 -18.95 7.19 -17.55
CA THR B 77 -19.26 6.86 -16.18
C THR B 77 -18.98 5.36 -15.97
N LEU B 78 -18.60 4.84 -14.77
CA LEU B 78 -18.27 3.44 -14.51
C LEU B 78 -19.30 2.88 -13.54
N LYS B 79 -19.83 1.68 -13.66
CA LYS B 79 -20.79 1.20 -12.68
C LYS B 79 -20.61 -0.17 -12.09
N ILE B 80 -20.80 -0.17 -10.78
CA ILE B 80 -20.74 -1.41 -10.01
C ILE B 80 -22.16 -1.71 -9.61
N SER B 81 -22.64 -2.87 -10.03
CA SER B 81 -24.03 -3.23 -9.81
C SER B 81 -24.32 -3.66 -8.37
N ARG B 82 -23.57 -4.53 -7.70
CA ARG B 82 -23.91 -4.75 -6.31
C ARG B 82 -22.58 -4.98 -5.73
N VAL B 83 -22.29 -3.87 -5.10
CA VAL B 83 -21.02 -3.75 -4.44
C VAL B 83 -20.67 -4.90 -3.50
N GLU B 84 -19.42 -5.24 -3.64
CA GLU B 84 -18.91 -6.27 -2.76
C GLU B 84 -17.66 -5.77 -2.02
N ALA B 85 -17.33 -6.41 -0.91
CA ALA B 85 -16.14 -6.14 -0.14
C ALA B 85 -14.88 -6.01 -1.01
N GLU B 86 -14.64 -6.91 -1.98
CA GLU B 86 -13.46 -6.87 -2.85
C GLU B 86 -13.35 -5.65 -3.75
N ASP B 87 -14.32 -4.75 -3.72
CA ASP B 87 -14.19 -3.59 -4.55
C ASP B 87 -13.66 -2.40 -3.82
N LEU B 88 -13.12 -2.59 -2.66
CA LEU B 88 -12.42 -1.54 -1.98
C LEU B 88 -11.24 -1.04 -2.80
N GLY B 89 -11.15 0.26 -2.99
CA GLY B 89 -9.95 0.76 -3.63
C GLY B 89 -10.15 2.14 -4.17
N VAL B 90 -9.17 2.60 -4.95
CA VAL B 90 -9.31 3.86 -5.63
C VAL B 90 -9.55 3.53 -7.09
N TYR B 91 -10.48 4.12 -7.80
CA TYR B 91 -10.64 3.83 -9.23
C TYR B 91 -10.01 4.91 -10.09
N PHE B 92 -9.13 4.62 -11.02
CA PHE B 92 -8.56 5.62 -11.92
C PHE B 92 -9.16 5.56 -13.29
N CYS B 93 -9.48 6.69 -13.88
CA CYS B 93 -9.84 6.68 -15.30
C CYS B 93 -8.63 7.18 -16.07
N SER B 94 -8.21 6.72 -17.23
CA SER B 94 -7.13 7.39 -17.96
C SER B 94 -7.37 7.36 -19.44
N GLN B 95 -6.76 8.31 -20.17
CA GLN B 95 -6.92 8.38 -21.63
C GLN B 95 -5.67 7.98 -22.37
N SER B 96 -5.67 7.23 -23.45
CA SER B 96 -4.41 7.08 -24.16
C SER B 96 -4.52 7.49 -25.60
N THR B 97 -5.50 8.36 -25.87
CA THR B 97 -5.81 8.86 -27.21
C THR B 97 -4.83 9.96 -27.57
N HIS B 98 -4.51 10.77 -26.56
CA HIS B 98 -3.63 11.91 -26.66
C HIS B 98 -2.36 11.81 -25.82
N VAL B 99 -1.12 11.96 -26.33
CA VAL B 99 0.09 12.03 -25.51
C VAL B 99 0.17 13.44 -24.87
N PRO B 100 0.44 13.75 -23.61
CA PRO B 100 0.70 12.80 -22.58
C PRO B 100 -0.64 12.22 -22.20
N TYR B 101 -0.42 10.94 -21.92
CA TYR B 101 -1.40 10.06 -21.36
C TYR B 101 -1.61 10.58 -19.96
N THR B 102 -2.83 10.89 -19.70
CA THR B 102 -3.17 11.39 -18.41
C THR B 102 -4.14 10.55 -17.59
N PHE B 103 -4.07 10.63 -16.27
CA PHE B 103 -4.94 9.80 -15.45
C PHE B 103 -5.89 10.66 -14.69
N GLY B 104 -6.99 10.12 -14.19
CA GLY B 104 -7.88 10.89 -13.34
C GLY B 104 -7.27 11.12 -11.95
N GLY B 105 -8.13 11.66 -11.09
CA GLY B 105 -7.78 11.91 -9.70
C GLY B 105 -7.90 10.62 -8.89
N GLY B 106 -9.00 9.94 -9.09
CA GLY B 106 -9.26 8.74 -8.34
C GLY B 106 -10.41 8.94 -7.38
N THR B 107 -11.27 7.98 -7.34
CA THR B 107 -12.42 8.02 -6.46
C THR B 107 -12.18 6.90 -5.44
N LYS B 108 -12.33 7.19 -4.15
CA LYS B 108 -12.07 6.21 -3.12
C LYS B 108 -13.25 5.39 -2.72
N LEU B 109 -13.52 4.21 -3.26
CA LEU B 109 -14.76 3.55 -2.91
C LEU B 109 -14.71 3.01 -1.48
N GLU B 110 -15.46 3.58 -0.54
CA GLU B 110 -15.58 3.19 0.89
C GLU B 110 -16.76 2.23 1.23
N ILE B 111 -16.65 1.00 1.74
CA ILE B 111 -17.82 0.16 2.00
C ILE B 111 -18.53 0.63 3.25
N LYS B 112 -19.83 0.58 3.34
CA LYS B 112 -20.47 1.11 4.52
C LYS B 112 -21.19 0.06 5.40
N ARG B 113 -20.44 -0.94 5.89
CA ARG B 113 -21.01 -2.00 6.74
C ARG B 113 -21.66 -1.63 8.09
N ALA B 114 -22.38 -2.55 8.75
CA ALA B 114 -22.97 -2.29 10.11
C ALA B 114 -21.88 -2.22 11.16
N ASP B 115 -22.03 -1.48 12.26
CA ASP B 115 -20.88 -1.39 13.21
C ASP B 115 -20.14 -2.59 13.83
N ALA B 116 -18.97 -2.22 14.28
CA ALA B 116 -18.19 -3.18 15.01
C ALA B 116 -17.28 -2.54 16.11
N ALA B 117 -16.99 -3.29 17.19
CA ALA B 117 -16.15 -2.77 18.25
C ALA B 117 -14.86 -3.49 18.61
N PRO B 118 -13.85 -2.71 18.94
CA PRO B 118 -12.45 -3.03 18.85
C PRO B 118 -11.92 -4.17 19.68
N THR B 119 -10.93 -4.93 19.21
CA THR B 119 -10.32 -5.89 20.15
C THR B 119 -8.89 -5.53 20.60
N VAL B 120 -9.08 -4.72 21.63
CA VAL B 120 -8.00 -4.06 22.32
C VAL B 120 -7.08 -5.09 22.99
N SER B 121 -5.77 -5.00 22.82
CA SER B 121 -4.87 -6.00 23.36
C SER B 121 -3.69 -5.22 23.83
N ILE B 122 -3.45 -5.23 25.14
CA ILE B 122 -2.25 -4.57 25.65
C ILE B 122 -1.08 -5.52 25.51
N PHE B 123 0.09 -4.95 25.26
CA PHE B 123 1.33 -5.68 25.27
C PHE B 123 2.42 -5.02 26.10
N PRO B 124 2.81 -5.59 27.22
CA PRO B 124 4.01 -5.18 27.90
C PRO B 124 5.31 -5.21 27.17
N PRO B 125 6.30 -4.38 27.50
CA PRO B 125 7.56 -4.36 26.81
C PRO B 125 8.30 -5.63 26.83
N SER B 126 8.62 -6.23 25.73
CA SER B 126 9.45 -7.43 25.75
C SER B 126 10.78 -7.33 26.51
N SER B 127 11.30 -8.49 26.84
CA SER B 127 12.57 -8.51 27.51
C SER B 127 13.77 -8.28 26.63
N GLU B 128 13.66 -8.33 25.32
CA GLU B 128 14.81 -7.92 24.52
C GLU B 128 14.89 -6.37 24.61
N GLN B 129 13.74 -5.67 24.59
CA GLN B 129 13.81 -4.20 24.58
C GLN B 129 14.19 -3.53 25.91
N LEU B 130 13.64 -4.04 27.02
CA LEU B 130 13.99 -3.59 28.36
C LEU B 130 15.46 -3.82 28.67
N THR B 131 16.12 -4.82 28.07
CA THR B 131 17.59 -4.89 28.14
C THR B 131 18.09 -3.57 27.56
N SER B 132 17.77 -3.16 26.34
CA SER B 132 18.34 -1.93 25.75
C SER B 132 17.78 -0.55 26.04
N GLY B 133 17.98 -0.16 27.28
CA GLY B 133 17.71 1.20 27.73
C GLY B 133 16.35 1.91 27.48
N GLY B 134 15.39 1.21 26.89
CA GLY B 134 14.13 1.80 26.66
C GLY B 134 13.07 0.78 26.69
N ALA B 135 11.88 1.15 27.05
CA ALA B 135 10.87 0.15 26.99
C ALA B 135 9.67 0.65 26.23
N SER B 136 8.80 -0.14 25.59
CA SER B 136 7.68 0.44 24.84
C SER B 136 6.35 -0.19 25.16
N VAL B 137 5.30 0.38 25.70
CA VAL B 137 4.10 -0.43 25.86
C VAL B 137 3.37 -0.52 24.51
N VAL B 138 3.23 -1.64 23.79
CA VAL B 138 2.46 -1.63 22.52
C VAL B 138 0.95 -1.94 22.63
N CYS B 139 0.03 -1.22 21.97
CA CYS B 139 -1.36 -1.65 21.98
C CYS B 139 -2.03 -1.87 20.61
N PHE B 140 -2.78 -2.95 20.34
CA PHE B 140 -3.47 -3.10 19.04
C PHE B 140 -5.03 -3.05 19.07
N LEU B 141 -5.69 -1.90 18.81
CA LEU B 141 -7.16 -1.85 18.72
C LEU B 141 -7.66 -2.48 17.40
N ASN B 142 -8.09 -3.75 17.38
CA ASN B 142 -8.47 -4.41 16.12
C ASN B 142 -9.90 -4.56 15.63
N ASN B 143 -9.92 -4.95 14.35
CA ASN B 143 -11.14 -5.17 13.58
C ASN B 143 -12.36 -4.27 13.87
N PHE B 144 -12.15 -2.98 14.03
CA PHE B 144 -13.29 -2.11 14.27
C PHE B 144 -14.01 -1.48 13.09
N TYR B 145 -15.07 -0.71 13.35
CA TYR B 145 -15.90 -0.10 12.32
C TYR B 145 -16.92 0.75 13.05
N PRO B 146 -17.14 2.05 12.81
CA PRO B 146 -16.47 2.94 11.85
C PRO B 146 -15.15 3.60 12.25
N LYS B 147 -14.29 3.96 11.30
CA LYS B 147 -12.95 4.48 11.62
C LYS B 147 -12.76 5.60 12.64
N ASP B 148 -13.75 6.41 13.00
CA ASP B 148 -13.43 7.35 14.06
C ASP B 148 -13.42 6.67 15.40
N ILE B 149 -12.20 6.31 15.84
CA ILE B 149 -11.98 5.73 17.16
C ILE B 149 -11.04 6.59 17.97
N ASN B 150 -11.10 6.68 19.29
CA ASN B 150 -10.21 7.59 20.00
C ASN B 150 -9.34 6.94 21.08
N VAL B 151 -8.02 7.01 21.00
CA VAL B 151 -7.23 6.41 22.06
C VAL B 151 -6.38 7.35 22.90
N LYS B 152 -6.67 7.10 24.19
CA LYS B 152 -6.09 7.78 25.33
C LYS B 152 -5.22 6.83 26.17
N TRP B 153 -3.89 6.99 26.33
CA TRP B 153 -3.23 6.13 27.30
C TRP B 153 -3.19 6.79 28.67
N LYS B 154 -3.33 5.96 29.70
CA LYS B 154 -3.13 6.44 31.04
C LYS B 154 -2.15 5.54 31.72
N ILE B 155 -1.06 6.16 32.19
CA ILE B 155 -0.06 5.53 33.05
C ILE B 155 -0.41 5.77 34.53
N ASP B 156 -0.63 4.66 35.27
CA ASP B 156 -1.02 4.62 36.69
C ASP B 156 -2.19 5.55 37.03
N GLY B 157 -3.32 5.38 36.31
CA GLY B 157 -4.46 6.31 36.55
C GLY B 157 -4.39 7.76 35.96
N SER B 158 -3.29 8.17 35.37
CA SER B 158 -3.30 9.46 34.71
C SER B 158 -3.01 9.51 33.18
N GLU B 159 -3.61 10.47 32.49
CA GLU B 159 -3.40 10.65 31.04
C GLU B 159 -1.97 10.95 30.53
N VAL B 160 -1.39 10.15 29.62
CA VAL B 160 -0.08 10.51 29.10
C VAL B 160 -0.12 11.05 27.68
N GLN B 161 0.47 12.22 27.53
CA GLN B 161 0.48 12.77 26.22
C GLN B 161 1.75 12.65 25.43
N ASN B 162 2.67 11.69 25.56
CA ASN B 162 3.98 11.85 24.91
C ASN B 162 4.43 10.63 24.25
N GLY B 163 5.35 10.74 23.30
CA GLY B 163 5.87 9.57 22.60
C GLY B 163 4.77 8.58 22.24
N VAL B 164 3.54 9.08 22.10
CA VAL B 164 2.38 8.30 21.75
C VAL B 164 2.55 8.23 20.23
N LEU B 165 2.21 7.12 19.59
CA LEU B 165 2.44 6.94 18.17
C LEU B 165 1.45 6.01 17.53
N ASN B 166 0.38 6.59 16.99
CA ASN B 166 -0.68 5.90 16.31
C ASN B 166 -0.48 5.45 14.88
N SER B 167 -0.72 4.21 14.48
CA SER B 167 -0.79 3.86 13.06
C SER B 167 -2.17 3.34 12.65
N TRP B 168 -2.82 3.78 11.60
CA TRP B 168 -4.16 3.37 11.20
C TRP B 168 -4.23 2.53 9.92
N THR B 169 -5.02 1.48 9.87
CA THR B 169 -5.11 0.63 8.69
C THR B 169 -6.16 1.24 7.79
N ASP B 170 -6.13 0.60 6.65
CA ASP B 170 -7.13 0.83 5.63
C ASP B 170 -8.25 -0.18 5.71
N GLN B 171 -9.47 0.25 5.41
CA GLN B 171 -10.57 -0.69 5.38
C GLN B 171 -10.22 -2.00 4.72
N ASP B 172 -10.57 -2.99 5.50
CA ASP B 172 -10.31 -4.36 5.14
C ASP B 172 -11.04 -4.94 3.93
N SER B 173 -10.31 -5.64 3.09
CA SER B 173 -10.92 -6.18 1.90
C SER B 173 -11.98 -7.21 2.20
N LYS B 174 -11.59 -8.32 2.80
CA LYS B 174 -12.53 -9.39 3.08
C LYS B 174 -13.58 -9.11 4.13
N ASP B 175 -13.40 -8.17 5.05
CA ASP B 175 -14.43 -7.94 6.03
C ASP B 175 -14.67 -6.48 6.35
N SER B 176 -14.27 -5.57 5.49
CA SER B 176 -14.64 -4.15 5.61
C SER B 176 -14.34 -3.32 6.85
N THR B 177 -13.52 -3.89 7.72
CA THR B 177 -13.18 -3.27 9.01
C THR B 177 -11.83 -2.60 9.11
N TYR B 178 -11.85 -1.54 9.89
CA TYR B 178 -10.63 -0.79 10.19
C TYR B 178 -9.86 -1.35 11.41
N SER B 179 -8.68 -0.82 11.68
CA SER B 179 -7.79 -1.29 12.77
C SER B 179 -6.72 -0.26 13.13
N MET B 180 -6.11 -0.40 14.31
CA MET B 180 -5.20 0.59 14.80
C MET B 180 -4.19 0.12 15.79
N SER B 181 -2.98 0.58 15.62
CA SER B 181 -1.93 0.35 16.60
C SER B 181 -1.72 1.68 17.28
N SER B 182 -1.44 1.58 18.57
CA SER B 182 -1.08 2.74 19.39
C SER B 182 0.15 2.36 20.21
N THR B 183 1.29 3.00 20.06
CA THR B 183 2.51 2.55 20.74
C THR B 183 2.94 3.65 21.69
N LEU B 184 3.22 3.32 22.95
CA LEU B 184 3.77 4.28 23.91
C LEU B 184 5.22 3.89 24.15
N THR B 185 6.17 4.78 24.03
CA THR B 185 7.52 4.36 24.15
C THR B 185 8.07 5.12 25.29
N LEU B 186 8.49 4.44 26.34
CA LEU B 186 9.07 5.10 27.51
C LEU B 186 10.60 5.01 27.63
N THR B 187 11.27 5.60 28.62
CA THR B 187 12.63 5.14 28.84
C THR B 187 12.46 3.82 29.65
N LYS B 188 13.56 3.10 29.91
CA LYS B 188 13.51 1.91 30.76
C LYS B 188 12.95 2.30 32.11
N ASP B 189 13.72 3.21 32.75
CA ASP B 189 13.38 3.84 34.05
C ASP B 189 11.96 4.44 34.09
N GLU B 190 11.49 5.39 33.24
CA GLU B 190 10.11 5.87 33.37
C GLU B 190 9.09 4.78 33.05
N TYR B 191 9.54 3.69 32.42
CA TYR B 191 8.66 2.54 32.37
C TYR B 191 8.55 2.10 33.83
N GLU B 192 9.72 1.69 34.37
CA GLU B 192 9.85 1.07 35.70
C GLU B 192 9.49 1.78 37.01
N ARG B 193 9.45 3.12 37.15
CA ARG B 193 8.96 3.75 38.37
C ARG B 193 7.47 4.18 38.23
N HIS B 194 6.65 3.21 37.80
CA HIS B 194 5.21 3.25 37.57
C HIS B 194 4.69 1.82 37.52
N ASN B 195 3.47 1.53 37.95
CA ASN B 195 3.09 0.11 37.97
C ASN B 195 1.93 -0.23 37.08
N SER B 196 1.07 0.75 36.80
CA SER B 196 -0.11 0.56 35.94
C SER B 196 -0.05 1.24 34.57
N TYR B 197 -0.63 0.54 33.60
CA TYR B 197 -0.76 0.96 32.20
C TYR B 197 -2.15 0.59 31.72
N THR B 198 -2.73 1.60 31.05
CA THR B 198 -4.08 1.64 30.46
C THR B 198 -4.23 2.23 29.03
N CYS B 199 -4.72 1.44 28.10
CA CYS B 199 -5.01 1.90 26.73
C CYS B 199 -6.53 2.09 26.64
N GLU B 200 -7.10 3.28 26.48
CA GLU B 200 -8.56 3.42 26.36
C GLU B 200 -9.19 4.13 25.14
N ALA B 201 -10.02 3.37 24.50
CA ALA B 201 -10.66 3.83 23.29
C ALA B 201 -12.07 4.32 23.54
N THR B 202 -12.39 5.44 22.88
CA THR B 202 -13.74 5.99 22.83
C THR B 202 -14.33 5.75 21.45
N HIS B 203 -15.65 5.45 21.27
CA HIS B 203 -16.24 5.09 19.96
C HIS B 203 -17.78 5.50 19.79
N LYS B 204 -18.68 4.53 19.45
CA LYS B 204 -20.17 4.62 19.31
C LYS B 204 -20.73 3.24 19.78
N THR B 205 -19.88 2.23 19.87
CA THR B 205 -20.43 0.90 20.12
C THR B 205 -20.71 0.70 21.56
N SER B 206 -19.93 1.47 22.30
CA SER B 206 -20.00 1.46 23.74
C SER B 206 -19.80 2.87 24.28
N THR B 207 -20.66 3.27 25.21
CA THR B 207 -20.59 4.65 25.72
C THR B 207 -19.42 4.80 26.67
N SER B 208 -18.95 3.62 27.14
CA SER B 208 -17.81 3.63 28.08
C SER B 208 -16.47 3.35 27.35
N PRO B 209 -15.32 3.87 27.83
CA PRO B 209 -14.04 3.53 27.24
C PRO B 209 -13.72 2.05 27.27
N ILE B 210 -13.22 1.47 26.20
CA ILE B 210 -12.98 0.03 26.10
C ILE B 210 -11.66 -0.32 26.73
N VAL B 211 -11.58 0.05 27.94
CA VAL B 211 -10.35 -0.06 28.71
C VAL B 211 -9.72 -1.45 28.75
N LYS B 212 -8.51 -1.57 28.34
CA LYS B 212 -7.75 -2.74 28.70
C LYS B 212 -6.69 -2.13 29.61
N SER B 213 -6.00 -2.88 30.45
CA SER B 213 -5.01 -2.36 31.41
C SER B 213 -4.13 -3.44 31.99
N PHE B 214 -2.82 -3.23 32.16
CA PHE B 214 -1.98 -4.21 32.88
C PHE B 214 -1.03 -3.62 33.95
N ASN B 215 -0.40 -4.45 34.81
CA ASN B 215 0.50 -4.00 35.89
C ASN B 215 2.02 -4.42 35.96
N ARG B 216 3.02 -3.50 35.77
CA ARG B 216 4.49 -3.72 35.70
C ARG B 216 5.05 -4.91 36.44
N ASN B 217 4.42 -5.21 37.54
CA ASN B 217 4.67 -6.35 38.40
C ASN B 217 4.00 -7.60 37.74
N GLU B 218 4.60 -7.76 36.55
CA GLU B 218 4.45 -8.75 35.49
C GLU B 218 4.66 -10.18 36.14
N CYS B 219 5.83 -10.55 36.72
CA CYS B 219 5.93 -11.84 37.46
C CYS B 219 5.11 -11.80 38.78
N GLN C 1 1.29 -16.21 -15.23
CA GLN C 1 2.60 -16.46 -15.83
C GLN C 1 3.05 -15.23 -16.66
N VAL C 2 2.28 -14.18 -17.01
CA VAL C 2 2.86 -12.99 -17.64
C VAL C 2 3.42 -12.21 -16.49
N GLN C 3 4.68 -12.03 -16.27
CA GLN C 3 5.17 -11.31 -15.10
C GLN C 3 6.02 -10.11 -15.46
N LEU C 4 5.71 -8.89 -15.03
CA LEU C 4 6.67 -7.81 -15.17
C LEU C 4 7.26 -7.59 -13.79
N GLN C 5 8.58 -7.61 -13.73
CA GLN C 5 9.25 -7.72 -12.47
C GLN C 5 10.29 -6.68 -12.15
N GLN C 6 10.02 -5.83 -11.17
CA GLN C 6 10.90 -4.73 -10.84
C GLN C 6 11.98 -4.74 -9.76
N SER C 7 12.89 -3.80 -9.99
CA SER C 7 14.13 -3.64 -9.22
C SER C 7 14.13 -3.71 -7.72
N GLY C 8 13.20 -3.22 -6.92
CA GLY C 8 13.40 -3.44 -5.49
C GLY C 8 13.04 -2.24 -4.65
N ALA C 9 13.97 -1.65 -3.91
CA ALA C 9 13.67 -0.41 -3.19
C ALA C 9 14.97 0.25 -2.92
N GLU C 10 15.10 1.56 -3.24
CA GLU C 10 16.39 2.24 -3.13
C GLU C 10 16.56 3.54 -2.39
N LEU C 11 17.60 3.63 -1.56
CA LEU C 11 17.84 4.92 -0.94
C LEU C 11 18.99 5.61 -1.68
N VAL C 12 18.64 6.82 -2.06
CA VAL C 12 19.48 7.65 -2.89
C VAL C 12 19.88 9.02 -2.35
N ARG C 13 21.14 9.33 -2.42
CA ARG C 13 21.55 10.70 -2.10
C ARG C 13 21.07 11.74 -3.14
N PRO C 14 20.52 12.93 -2.82
CA PRO C 14 20.15 13.96 -3.80
C PRO C 14 21.26 14.38 -4.75
N GLY C 15 21.05 14.62 -6.03
CA GLY C 15 22.18 14.83 -6.98
C GLY C 15 22.69 13.57 -7.69
N THR C 16 22.43 12.46 -7.06
CA THR C 16 22.67 11.13 -7.60
C THR C 16 21.65 10.74 -8.65
N SER C 17 21.89 9.64 -9.34
CA SER C 17 20.98 9.09 -10.34
C SER C 17 20.73 7.61 -10.14
N VAL C 18 19.65 7.11 -10.69
CA VAL C 18 19.23 5.75 -10.43
C VAL C 18 18.86 4.99 -11.69
N LYS C 19 19.11 3.67 -11.76
CA LYS C 19 18.65 2.82 -12.86
C LYS C 19 17.62 1.91 -12.24
N VAL C 20 16.36 2.17 -12.38
CA VAL C 20 15.38 1.24 -11.90
C VAL C 20 15.27 0.23 -13.02
N SER C 21 15.14 -1.07 -12.82
CA SER C 21 14.86 -1.93 -13.96
C SER C 21 13.48 -2.51 -13.92
N CYS C 22 12.92 -2.86 -15.08
CA CYS C 22 11.66 -3.60 -15.17
C CYS C 22 11.95 -4.80 -16.02
N LYS C 23 11.83 -6.00 -15.47
CA LYS C 23 12.17 -7.26 -16.15
C LYS C 23 11.00 -8.09 -16.57
N ALA C 24 10.87 -8.34 -17.87
CA ALA C 24 9.71 -9.07 -18.29
C ALA C 24 9.73 -10.57 -18.45
N SER C 25 8.92 -11.40 -17.84
CA SER C 25 8.91 -12.78 -18.31
C SER C 25 7.56 -13.36 -18.69
N GLY C 26 7.49 -14.37 -19.56
CA GLY C 26 6.21 -15.01 -19.92
C GLY C 26 5.54 -14.56 -21.20
N TYR C 27 5.86 -13.43 -21.72
CA TYR C 27 5.19 -12.96 -22.91
C TYR C 27 6.15 -12.67 -24.07
N ALA C 28 5.76 -12.28 -25.28
CA ALA C 28 6.76 -11.90 -26.25
C ALA C 28 7.17 -10.48 -26.01
N PHE C 29 8.23 -10.18 -25.30
CA PHE C 29 8.70 -8.82 -24.98
C PHE C 29 8.45 -7.65 -25.89
N THR C 30 8.72 -7.96 -27.16
CA THR C 30 8.69 -7.02 -28.30
C THR C 30 7.36 -6.88 -29.03
N ASN C 31 6.40 -7.63 -28.58
CA ASN C 31 5.06 -7.45 -29.05
C ASN C 31 4.37 -6.35 -28.24
N TYR C 32 4.95 -5.86 -27.15
CA TYR C 32 4.35 -4.87 -26.26
C TYR C 32 5.25 -3.70 -25.87
N LEU C 33 4.71 -2.47 -25.88
CA LEU C 33 5.38 -1.27 -25.43
C LEU C 33 5.52 -1.21 -23.91
N ILE C 34 6.64 -0.91 -23.24
CA ILE C 34 6.72 -0.84 -21.77
C ILE C 34 6.58 0.64 -21.41
N GLN C 35 5.69 1.00 -20.46
CA GLN C 35 5.36 2.39 -20.13
C GLN C 35 5.74 2.67 -18.72
N TRP C 36 6.41 3.75 -18.35
CA TRP C 36 6.74 3.98 -16.96
C TRP C 36 5.89 5.02 -16.23
N ILE C 37 5.16 4.76 -15.15
CA ILE C 37 4.29 5.74 -14.46
C ILE C 37 4.82 6.15 -13.05
N LYS C 38 4.77 7.41 -12.58
CA LYS C 38 5.17 7.76 -11.22
C LYS C 38 3.99 7.86 -10.31
N GLN C 39 4.18 7.79 -9.01
CA GLN C 39 3.06 7.91 -8.10
C GLN C 39 3.50 8.45 -6.74
N ARG C 40 3.12 9.66 -6.33
CA ARG C 40 3.54 10.12 -5.02
C ARG C 40 2.46 9.86 -3.99
N PRO C 41 2.82 9.30 -2.84
CA PRO C 41 2.38 7.97 -2.48
C PRO C 41 0.85 7.92 -2.29
N GLY C 42 0.37 9.02 -1.70
CA GLY C 42 -1.04 9.11 -1.41
C GLY C 42 -1.72 9.95 -2.45
N GLN C 43 -1.34 9.78 -3.72
CA GLN C 43 -1.98 10.59 -4.77
C GLN C 43 -2.14 9.95 -6.19
N GLY C 44 -2.64 10.63 -7.21
CA GLY C 44 -2.73 10.08 -8.54
C GLY C 44 -1.38 9.69 -9.15
N LEU C 45 -1.54 9.00 -10.27
CA LEU C 45 -0.46 8.47 -11.09
C LEU C 45 0.02 9.48 -12.11
N GLU C 46 1.22 9.56 -12.68
CA GLU C 46 1.40 10.40 -13.86
C GLU C 46 2.28 9.69 -14.84
N TRP C 47 2.20 9.97 -16.10
CA TRP C 47 2.99 9.21 -17.04
C TRP C 47 4.37 9.76 -17.10
N ILE C 48 5.34 8.89 -17.29
CA ILE C 48 6.70 9.35 -17.39
C ILE C 48 7.20 8.98 -18.76
N GLY C 49 7.03 7.86 -19.41
CA GLY C 49 7.58 7.69 -20.74
C GLY C 49 7.26 6.37 -21.40
N VAL C 50 7.75 6.12 -22.60
CA VAL C 50 7.42 4.93 -23.37
C VAL C 50 8.65 4.45 -24.04
N ILE C 51 8.91 3.17 -23.97
CA ILE C 51 9.97 2.61 -24.78
C ILE C 51 9.41 1.42 -25.53
N ASN C 52 9.87 1.25 -26.74
CA ASN C 52 9.49 0.10 -27.53
C ASN C 52 10.77 -0.72 -27.46
N PRO C 53 10.86 -1.86 -26.76
CA PRO C 53 12.08 -2.63 -26.65
C PRO C 53 12.67 -3.09 -27.97
N GLY C 54 11.88 -3.68 -28.86
CA GLY C 54 12.38 -4.14 -30.16
C GLY C 54 13.02 -3.09 -31.08
N SER C 55 12.55 -1.84 -31.07
CA SER C 55 13.14 -0.79 -31.91
C SER C 55 14.01 0.25 -31.23
N GLY C 56 13.99 0.24 -29.90
CA GLY C 56 14.72 1.24 -29.11
C GLY C 56 14.06 2.61 -28.96
N GLY C 57 12.87 2.80 -29.52
CA GLY C 57 12.10 4.04 -29.53
C GLY C 57 11.49 4.49 -28.21
N THR C 58 12.02 5.61 -27.73
CA THR C 58 11.61 6.28 -26.50
C THR C 58 10.88 7.62 -26.65
N ASP C 59 9.74 7.74 -25.97
CA ASP C 59 9.00 8.99 -25.91
C ASP C 59 8.77 9.42 -24.45
N TYR C 60 8.77 10.69 -24.08
CA TYR C 60 8.61 11.08 -22.67
C TYR C 60 7.60 12.20 -22.48
N ASN C 61 7.08 12.27 -21.26
CA ASN C 61 6.34 13.43 -20.85
C ASN C 61 7.31 14.63 -20.81
N ALA C 62 6.89 15.84 -21.15
CA ALA C 62 7.78 16.99 -21.14
C ALA C 62 8.27 17.33 -19.73
N ASN C 63 7.52 16.98 -18.70
CA ASN C 63 7.94 17.18 -17.33
C ASN C 63 9.15 16.30 -16.96
N PHE C 64 9.38 15.28 -17.78
CA PHE C 64 10.42 14.30 -17.58
C PHE C 64 11.50 14.23 -18.62
N LYS C 65 11.35 14.98 -19.69
CA LYS C 65 12.37 15.07 -20.72
C LYS C 65 13.73 15.47 -20.20
N GLY C 66 14.71 14.59 -20.39
CA GLY C 66 16.00 14.89 -19.80
C GLY C 66 16.12 14.51 -18.32
N LYS C 67 15.06 14.16 -17.52
CA LYS C 67 15.27 13.59 -16.18
C LYS C 67 15.30 12.10 -16.50
N ALA C 68 14.17 11.51 -16.87
CA ALA C 68 14.09 10.12 -17.29
C ALA C 68 14.87 9.66 -18.50
N THR C 69 15.60 8.57 -18.59
CA THR C 69 16.02 8.06 -19.89
C THR C 69 15.98 6.54 -19.88
N LEU C 70 15.07 6.10 -20.71
CA LEU C 70 14.63 4.72 -20.90
C LEU C 70 15.53 3.92 -21.86
N THR C 71 15.92 2.72 -21.59
CA THR C 71 16.91 1.95 -22.39
C THR C 71 16.48 0.48 -22.36
N ALA C 72 16.51 -0.33 -23.38
CA ALA C 72 16.15 -1.70 -23.12
C ALA C 72 17.16 -2.68 -23.61
N ASP C 73 17.25 -3.75 -22.85
CA ASP C 73 18.12 -4.83 -23.22
C ASP C 73 17.38 -6.03 -23.81
N LYS C 74 17.54 -6.10 -25.11
CA LYS C 74 17.00 -7.18 -25.93
C LYS C 74 17.62 -8.55 -25.63
N SER C 75 18.92 -8.54 -25.32
CA SER C 75 19.62 -9.78 -25.03
C SER C 75 19.07 -10.58 -23.87
N SER C 76 18.41 -9.83 -23.00
CA SER C 76 17.82 -10.40 -21.79
C SER C 76 16.71 -9.57 -21.16
N SER C 77 15.76 -9.30 -22.05
CA SER C 77 14.47 -8.69 -21.70
C SER C 77 14.25 -7.88 -20.45
N ILE C 78 15.15 -6.93 -20.27
CA ILE C 78 14.96 -5.95 -19.24
C ILE C 78 14.82 -4.61 -19.93
N VAL C 79 13.98 -3.77 -19.36
CA VAL C 79 13.83 -2.37 -19.75
C VAL C 79 14.30 -1.53 -18.56
N TYR C 80 14.95 -0.38 -18.75
CA TYR C 80 15.44 0.44 -17.64
C TYR C 80 14.96 1.86 -17.63
N MET C 81 14.97 2.41 -16.46
CA MET C 81 14.73 3.80 -16.36
C MET C 81 15.89 4.39 -15.55
N GLN C 82 16.60 5.38 -16.08
CA GLN C 82 17.67 6.07 -15.39
C GLN C 82 17.12 7.37 -14.89
N LEU C 83 16.86 7.66 -13.62
CA LEU C 83 16.43 9.01 -13.28
C LEU C 83 17.62 9.90 -13.02
N SER C 84 17.91 10.93 -13.81
CA SER C 84 19.06 11.79 -13.58
C SER C 84 18.70 12.91 -12.65
N SER C 85 19.71 13.37 -11.92
CA SER C 85 19.67 14.50 -10.98
C SER C 85 18.56 14.55 -9.97
N LEU C 86 18.69 13.65 -9.04
CA LEU C 86 17.69 13.50 -8.01
C LEU C 86 17.45 14.60 -6.99
N THR C 87 16.24 14.71 -6.50
CA THR C 87 15.83 15.67 -5.46
C THR C 87 14.63 15.21 -4.66
N SER C 88 14.38 15.70 -3.45
CA SER C 88 13.25 15.34 -2.58
C SER C 88 11.93 14.90 -3.17
N ASP C 89 11.66 15.60 -4.27
CA ASP C 89 10.49 15.39 -5.11
C ASP C 89 10.33 14.11 -5.91
N ASP C 90 11.47 13.46 -6.22
CA ASP C 90 11.49 12.17 -6.88
C ASP C 90 11.22 11.01 -5.97
N SER C 91 11.06 11.22 -4.67
CA SER C 91 10.66 10.15 -3.81
C SER C 91 9.24 9.82 -4.13
N ALA C 92 9.05 8.66 -4.68
CA ALA C 92 7.74 8.15 -5.06
C ALA C 92 7.72 6.64 -5.34
N VAL C 93 6.63 6.08 -5.84
CA VAL C 93 6.60 4.67 -6.24
C VAL C 93 6.67 4.67 -7.78
N TYR C 94 7.50 3.97 -8.53
CA TYR C 94 7.51 4.12 -9.98
C TYR C 94 7.13 2.78 -10.53
N PHE C 95 6.04 2.68 -11.27
CA PHE C 95 5.62 1.39 -11.82
C PHE C 95 6.12 1.28 -13.25
N CYS C 96 5.81 0.21 -13.93
CA CYS C 96 5.95 0.11 -15.38
C CYS C 96 4.85 -0.82 -15.81
N ALA C 97 4.40 -0.73 -17.01
CA ALA C 97 3.33 -1.57 -17.40
C ALA C 97 3.50 -1.93 -18.83
N ARG C 98 2.85 -3.00 -19.25
CA ARG C 98 2.90 -3.33 -20.64
C ARG C 98 1.69 -2.81 -21.43
N ASP C 99 1.93 -2.27 -22.63
CA ASP C 99 0.96 -1.71 -23.56
C ASP C 99 1.09 -2.50 -24.89
N PHE C 100 0.08 -3.18 -25.45
CA PHE C 100 0.22 -4.00 -26.65
C PHE C 100 0.67 -3.20 -27.82
N TYR C 101 1.49 -3.60 -28.78
CA TYR C 101 1.84 -2.69 -29.84
C TYR C 101 0.80 -2.59 -30.92
N ASP C 102 0.43 -3.68 -31.61
CA ASP C 102 -0.52 -3.50 -32.69
C ASP C 102 -1.86 -2.88 -32.34
N TYR C 103 -2.26 -2.83 -31.08
CA TYR C 103 -3.55 -2.33 -30.61
C TYR C 103 -3.58 -1.82 -29.17
N ASP C 104 -3.85 -0.57 -28.94
CA ASP C 104 -3.98 -0.03 -27.59
C ASP C 104 -5.19 -0.72 -26.97
N VAL C 105 -5.12 -1.43 -25.89
CA VAL C 105 -6.30 -1.98 -25.26
C VAL C 105 -6.09 -1.90 -23.75
N GLY C 106 -5.38 -0.85 -23.32
CA GLY C 106 -5.11 -0.57 -21.91
C GLY C 106 -3.71 -0.83 -21.38
N PHE C 107 -3.35 -0.47 -20.16
CA PHE C 107 -2.09 -0.92 -19.64
C PHE C 107 -2.36 -2.22 -18.90
N ASP C 108 -2.37 -3.25 -19.77
CA ASP C 108 -2.45 -4.68 -19.45
C ASP C 108 -2.06 -5.28 -18.09
N TYR C 109 -0.76 -5.49 -17.79
CA TYR C 109 -0.26 -6.08 -16.54
C TYR C 109 0.90 -5.21 -16.02
N TRP C 110 0.87 -4.64 -14.81
CA TRP C 110 1.91 -3.77 -14.24
C TRP C 110 2.92 -4.43 -13.30
N GLY C 111 4.14 -3.98 -13.13
CA GLY C 111 5.03 -4.58 -12.16
C GLY C 111 4.65 -4.28 -10.72
N GLN C 112 5.50 -4.50 -9.72
CA GLN C 112 5.12 -4.26 -8.33
C GLN C 112 5.32 -2.85 -7.84
N GLY C 113 6.17 -2.15 -8.57
CA GLY C 113 6.51 -0.76 -8.31
C GLY C 113 7.80 -0.60 -7.56
N THR C 114 8.81 0.14 -8.01
CA THR C 114 10.03 0.29 -7.20
C THR C 114 9.86 1.45 -6.27
N THR C 115 10.02 1.41 -4.97
CA THR C 115 9.79 2.58 -4.12
C THR C 115 11.07 3.31 -4.03
N LEU C 116 11.25 4.55 -4.47
CA LEU C 116 12.57 5.15 -4.46
C LEU C 116 12.68 6.26 -3.47
N THR C 117 13.42 6.18 -2.38
CA THR C 117 13.44 7.20 -1.30
C THR C 117 14.64 8.13 -1.36
N VAL C 118 14.49 9.31 -1.93
CA VAL C 118 15.60 10.24 -2.05
C VAL C 118 15.90 11.01 -0.79
N SER C 119 17.05 10.81 -0.19
CA SER C 119 17.43 11.38 1.09
C SER C 119 18.88 11.18 1.43
N SER C 120 19.20 12.24 2.13
CA SER C 120 20.49 12.60 2.68
C SER C 120 20.95 11.76 3.87
N ALA C 121 19.99 11.09 4.51
CA ALA C 121 20.16 10.17 5.64
C ALA C 121 21.01 8.93 5.40
N LYS C 122 21.25 8.35 6.53
CA LYS C 122 22.07 7.16 6.63
C LYS C 122 21.17 5.96 6.78
N THR C 123 21.35 4.79 6.17
CA THR C 123 20.42 3.70 6.50
C THR C 123 20.68 3.26 7.91
N THR C 124 19.60 2.87 8.59
CA THR C 124 19.69 2.23 9.88
C THR C 124 18.78 1.01 9.87
N ALA C 125 19.41 -0.09 10.28
CA ALA C 125 18.71 -1.37 10.33
C ALA C 125 17.84 -1.59 11.57
N PRO C 126 16.71 -2.27 11.46
CA PRO C 126 15.61 -2.21 12.42
C PRO C 126 15.87 -3.13 13.59
N SER C 127 15.58 -2.86 14.86
CA SER C 127 15.73 -3.92 15.82
C SER C 127 14.34 -4.50 16.10
N VAL C 128 14.08 -5.69 15.60
CA VAL C 128 12.81 -6.38 15.86
C VAL C 128 12.66 -6.92 17.29
N TYR C 129 11.51 -6.75 17.91
CA TYR C 129 11.24 -7.34 19.21
C TYR C 129 9.99 -8.24 19.17
N PRO C 130 9.82 -9.32 19.98
CA PRO C 130 8.65 -10.20 19.85
C PRO C 130 7.55 -9.60 20.72
N LEU C 131 6.31 -9.50 20.30
CA LEU C 131 5.27 -8.94 21.17
C LEU C 131 4.36 -10.05 21.64
N ALA C 132 4.57 -10.37 22.90
CA ALA C 132 3.87 -11.50 23.50
C ALA C 132 2.78 -11.25 24.53
N PRO C 133 1.73 -12.03 24.34
CA PRO C 133 0.45 -11.84 24.97
C PRO C 133 0.66 -11.90 26.44
N VAL C 134 -0.14 -11.10 27.09
CA VAL C 134 0.00 -11.01 28.53
C VAL C 134 -0.48 -12.31 29.21
N CYS C 135 0.02 -12.34 30.44
CA CYS C 135 -0.45 -13.32 31.43
C CYS C 135 -1.93 -13.86 31.48
N GLY C 136 -2.96 -13.04 31.88
CA GLY C 136 -4.37 -13.51 32.09
C GLY C 136 -5.21 -13.89 30.86
N ASP C 137 -4.66 -14.83 30.06
CA ASP C 137 -5.16 -15.16 28.72
C ASP C 137 -5.32 -16.64 28.24
N THR C 138 -4.97 -16.93 26.94
CA THR C 138 -5.06 -18.31 26.36
C THR C 138 -6.45 -18.97 26.55
N THR C 139 -7.45 -18.17 26.07
CA THR C 139 -8.87 -18.38 26.45
C THR C 139 -10.06 -17.86 25.55
N GLY C 140 -11.02 -17.08 26.18
CA GLY C 140 -12.23 -16.38 25.66
C GLY C 140 -12.95 -16.97 24.45
N SER C 141 -12.22 -16.52 23.40
CA SER C 141 -12.44 -16.97 22.03
C SER C 141 -11.07 -17.12 21.32
N SER C 142 -10.51 -16.20 20.47
CA SER C 142 -9.16 -16.38 19.81
C SER C 142 -7.90 -15.81 20.50
N VAL C 143 -6.69 -15.96 19.99
CA VAL C 143 -5.54 -15.29 20.60
C VAL C 143 -4.66 -14.34 19.75
N THR C 144 -4.43 -13.19 20.34
CA THR C 144 -3.64 -12.06 19.78
C THR C 144 -2.18 -12.00 20.23
N LEU C 145 -1.31 -11.47 19.41
CA LEU C 145 0.10 -11.22 19.75
C LEU C 145 0.74 -10.47 18.61
N GLY C 146 2.03 -10.12 18.63
CA GLY C 146 2.54 -9.31 17.51
C GLY C 146 4.04 -9.08 17.27
N CYS C 147 4.30 -8.12 16.38
CA CYS C 147 5.66 -7.77 16.06
C CYS C 147 5.99 -6.31 15.98
N LEU C 148 6.96 -5.92 16.77
CA LEU C 148 7.33 -4.53 16.75
C LEU C 148 8.64 -4.30 16.02
N VAL C 149 8.60 -3.66 14.86
CA VAL C 149 9.81 -3.33 14.12
C VAL C 149 10.07 -1.83 14.29
N LYS C 150 10.92 -1.60 15.26
CA LYS C 150 11.24 -0.27 15.69
C LYS C 150 12.56 0.19 15.13
N GLY C 151 12.76 1.49 15.28
CA GLY C 151 14.02 2.13 14.96
C GLY C 151 14.53 2.03 13.54
N TYR C 152 13.81 2.20 12.41
CA TYR C 152 14.49 2.06 11.12
C TYR C 152 14.33 3.12 10.03
N PHE C 153 15.32 3.20 9.13
CA PHE C 153 15.31 4.05 7.92
C PHE C 153 16.06 3.30 6.77
N PRO C 154 15.66 3.24 5.52
CA PRO C 154 14.46 3.85 4.99
C PRO C 154 13.29 2.87 4.93
N GLU C 155 12.02 3.27 4.80
CA GLU C 155 11.02 2.28 4.37
C GLU C 155 11.47 1.83 2.95
N PRO C 156 11.32 0.56 2.47
CA PRO C 156 10.71 -0.63 3.05
C PRO C 156 11.30 -1.70 3.97
N VAL C 157 10.38 -2.23 4.75
CA VAL C 157 10.67 -3.36 5.61
C VAL C 157 9.60 -4.33 5.27
N THR C 158 9.81 -5.63 5.44
CA THR C 158 8.77 -6.59 5.09
C THR C 158 8.50 -7.56 6.23
N LEU C 159 7.26 -7.56 6.73
CA LEU C 159 6.95 -8.52 7.81
C LEU C 159 6.10 -9.64 7.31
N THR C 160 6.37 -10.72 8.00
CA THR C 160 5.79 -11.99 7.67
C THR C 160 5.59 -12.95 8.84
N TRP C 161 4.48 -13.62 8.70
CA TRP C 161 4.18 -14.57 9.73
C TRP C 161 4.14 -16.01 9.21
N ASN C 162 5.05 -16.71 9.92
CA ASN C 162 5.38 -18.12 9.62
C ASN C 162 5.61 -18.28 8.12
N SER C 163 6.43 -17.31 7.72
CA SER C 163 7.03 -17.30 6.40
C SER C 163 6.04 -17.26 5.23
N GLY C 164 4.87 -16.75 5.55
CA GLY C 164 3.78 -16.70 4.60
C GLY C 164 2.62 -17.62 4.98
N SER C 165 2.93 -18.84 5.46
CA SER C 165 1.87 -19.75 5.84
C SER C 165 0.96 -19.18 6.90
N LEU C 166 1.44 -18.45 7.92
CA LEU C 166 0.44 -17.76 8.74
C LEU C 166 0.02 -16.51 7.97
N SER C 167 -0.97 -16.71 7.10
CA SER C 167 -1.48 -15.66 6.20
C SER C 167 -2.89 -15.13 6.51
N SER C 168 -3.86 -15.94 6.93
CA SER C 168 -5.09 -15.31 7.40
C SER C 168 -4.78 -14.68 8.78
N GLY C 169 -5.54 -13.74 9.32
CA GLY C 169 -5.31 -13.26 10.69
C GLY C 169 -4.36 -12.09 10.89
N VAL C 170 -3.41 -11.79 10.03
CA VAL C 170 -2.55 -10.64 10.25
C VAL C 170 -3.21 -9.28 10.12
N HIS C 171 -2.47 -8.29 10.57
CA HIS C 171 -2.76 -6.87 10.45
C HIS C 171 -1.41 -6.21 10.52
N THR C 172 -0.82 -5.95 9.38
CA THR C 172 0.44 -5.23 9.38
C THR C 172 0.06 -3.75 9.32
N PHE C 173 0.43 -2.89 10.26
CA PHE C 173 0.03 -1.48 10.20
C PHE C 173 0.91 -0.57 9.32
N PRO C 174 0.49 0.50 8.62
CA PRO C 174 1.37 1.45 7.98
C PRO C 174 2.38 2.00 8.91
N ALA C 175 3.62 1.74 8.59
CA ALA C 175 4.70 2.20 9.41
C ALA C 175 4.72 3.69 9.76
N VAL C 176 4.47 4.17 10.98
CA VAL C 176 4.67 5.61 11.24
C VAL C 176 6.12 6.08 11.36
N LEU C 177 6.41 7.36 11.21
CA LEU C 177 7.76 7.89 11.28
C LEU C 177 8.06 8.73 12.55
N GLN C 178 8.73 8.37 13.68
CA GLN C 178 9.03 9.29 14.80
C GLN C 178 10.26 10.17 14.58
N SER C 179 11.47 10.15 15.16
CA SER C 179 12.39 11.25 14.75
C SER C 179 13.31 10.88 13.64
N ASP C 180 12.98 11.18 12.42
CA ASP C 180 13.80 10.64 11.35
C ASP C 180 13.89 9.14 11.26
N LEU C 181 13.28 8.31 12.11
CA LEU C 181 13.30 6.88 11.88
C LEU C 181 11.89 6.34 12.04
N TYR C 182 11.60 5.21 11.42
CA TYR C 182 10.31 4.50 11.38
C TYR C 182 9.92 3.45 12.43
N THR C 183 8.66 3.36 12.87
CA THR C 183 8.24 2.30 13.77
C THR C 183 7.11 1.57 13.10
N LEU C 184 7.42 0.40 12.62
CA LEU C 184 6.40 -0.47 12.04
C LEU C 184 5.94 -1.49 13.06
N SER C 185 4.65 -1.64 13.19
CA SER C 185 4.12 -2.66 14.05
C SER C 185 3.34 -3.71 13.28
N SER C 186 2.94 -4.83 13.86
CA SER C 186 2.02 -5.77 13.20
C SER C 186 1.40 -6.76 14.14
N SER C 187 0.13 -7.10 13.97
CA SER C 187 -0.47 -8.12 14.83
C SER C 187 -1.07 -9.31 14.10
N VAL C 188 -1.25 -10.40 14.87
CA VAL C 188 -1.88 -11.68 14.47
C VAL C 188 -2.83 -12.19 15.59
N THR C 189 -3.94 -12.78 15.16
CA THR C 189 -4.85 -13.41 16.09
C THR C 189 -5.01 -14.88 15.71
N VAL C 190 -4.19 -15.67 16.35
CA VAL C 190 -4.23 -17.13 16.33
C VAL C 190 -5.48 -17.80 16.96
N THR C 191 -5.75 -19.11 16.92
CA THR C 191 -6.83 -19.68 17.79
C THR C 191 -6.40 -19.88 19.27
N SER C 192 -7.25 -19.39 20.26
CA SER C 192 -6.97 -19.50 21.74
C SER C 192 -6.11 -20.65 22.26
N SER C 193 -6.11 -21.84 21.62
CA SER C 193 -4.91 -22.63 21.85
C SER C 193 -4.19 -23.37 20.70
N THR C 194 -3.42 -22.54 19.95
CA THR C 194 -2.63 -23.09 18.83
C THR C 194 -1.22 -22.50 18.75
N TRP C 195 -1.13 -21.22 19.20
CA TRP C 195 0.21 -20.62 19.33
C TRP C 195 1.05 -21.25 20.47
N PRO C 196 0.62 -21.41 21.73
CA PRO C 196 1.53 -22.02 22.73
C PRO C 196 2.07 -23.40 22.21
N SER C 197 0.98 -24.07 21.77
CA SER C 197 0.81 -25.46 21.30
C SER C 197 1.72 -25.85 20.16
N GLN C 198 1.68 -25.04 19.10
CA GLN C 198 2.38 -25.46 17.91
C GLN C 198 3.39 -24.49 17.34
N SER C 199 3.17 -23.31 16.68
CA SER C 199 4.33 -22.39 16.43
C SER C 199 4.18 -21.09 15.68
N ILE C 200 4.72 -19.98 16.21
CA ILE C 200 4.71 -18.73 15.44
C ILE C 200 5.93 -17.76 15.47
N THR C 201 6.46 -17.52 14.27
CA THR C 201 7.60 -16.63 14.09
C THR C 201 7.39 -15.49 13.10
N CYS C 202 7.70 -14.34 13.67
CA CYS C 202 7.77 -13.11 12.91
C CYS C 202 9.03 -13.14 12.06
N ASN C 203 8.91 -12.84 10.79
CA ASN C 203 10.05 -12.81 9.89
C ASN C 203 10.11 -11.37 9.35
N VAL C 204 11.24 -10.67 9.44
CA VAL C 204 11.33 -9.28 8.99
C VAL C 204 12.52 -9.08 8.09
N ALA C 205 12.29 -8.37 7.00
CA ALA C 205 13.37 -8.04 6.10
C ALA C 205 13.45 -6.57 5.86
N HIS C 206 14.66 -6.10 6.00
CA HIS C 206 14.91 -4.70 5.71
C HIS C 206 15.88 -4.78 4.53
N PRO C 207 15.39 -4.75 3.29
CA PRO C 207 16.19 -5.18 2.15
C PRO C 207 17.28 -4.13 2.00
N ALA C 208 16.92 -2.83 2.16
CA ALA C 208 17.88 -1.73 2.04
C ALA C 208 19.04 -1.64 3.06
N SER C 209 19.28 -2.65 3.89
CA SER C 209 20.44 -2.73 4.82
C SER C 209 20.91 -4.17 5.07
N SER C 210 20.27 -5.01 4.24
CA SER C 210 20.45 -6.46 4.15
C SER C 210 20.15 -7.27 5.41
N THR C 211 19.54 -6.57 6.38
CA THR C 211 19.18 -7.13 7.69
C THR C 211 17.97 -8.04 7.52
N LYS C 212 18.11 -9.30 7.95
CA LYS C 212 16.96 -10.21 8.03
C LYS C 212 16.85 -10.87 9.43
N VAL C 213 15.68 -10.79 10.08
CA VAL C 213 15.53 -11.29 11.47
C VAL C 213 14.39 -12.29 11.69
N ASP C 214 14.66 -13.46 12.26
CA ASP C 214 13.55 -14.35 12.62
C ASP C 214 13.34 -14.41 14.12
N LYS C 215 12.25 -13.81 14.57
CA LYS C 215 11.99 -13.77 16.00
C LYS C 215 10.70 -14.51 16.38
N LYS C 216 10.79 -15.49 17.24
CA LYS C 216 9.61 -16.23 17.62
C LYS C 216 8.90 -15.67 18.82
N ILE C 217 7.58 -15.52 18.67
CA ILE C 217 6.76 -15.08 19.79
C ILE C 217 6.63 -16.18 20.82
N GLU C 218 7.29 -15.80 21.89
CA GLU C 218 7.41 -16.72 23.00
C GLU C 218 6.59 -16.27 24.22
N PRO C 219 5.97 -17.14 25.01
CA PRO C 219 5.07 -16.75 26.11
C PRO C 219 6.00 -16.25 27.20
N ARG C 220 5.64 -15.28 28.03
CA ARG C 220 6.67 -14.66 28.90
C ARG C 220 7.44 -15.39 30.04
#